data_8GW2
#
_entry.id   8GW2
#
_cell.length_a   70.430
_cell.length_b   69.540
_cell.length_c   107.484
_cell.angle_alpha   90.000
_cell.angle_beta   106.400
_cell.angle_gamma   90.000
#
_symmetry.space_group_name_H-M   'C 1 2 1'
#
loop_
_entity.id
_entity.type
_entity.pdbx_description
1 polymer 'Heat-labile enterotoxin IIB, B chain'
2 water water
#
_entity_poly.entity_id   1
_entity_poly.type   'polypeptide(L)'
_entity_poly.pdbx_seq_one_letter_code
;TASLVEGVELTKYISDINNNTDGMYVVSSTGGVWRISRAKDYPDNVMTAEMRKIAMAAVLSGMRVNMCASPASSPNVIWA
IELEAEGSGSGASQFFKDNCNRT
;
_entity_poly.pdbx_strand_id   D,A,B,C,E
#
# COMPACT_ATOMS: atom_id res chain seq x y z
N THR A 1 -16.43 -16.82 25.67
CA THR A 1 -15.45 -16.10 26.46
C THR A 1 -14.73 -14.99 25.59
N ALA A 2 -15.14 -14.81 24.33
CA ALA A 2 -14.53 -13.76 23.49
C ALA A 2 -14.81 -12.36 24.03
N SER A 3 -13.79 -11.51 23.99
CA SER A 3 -13.77 -10.22 24.70
C SER A 3 -13.80 -9.03 23.74
N LEU A 4 -14.41 -7.92 24.17
CA LEU A 4 -14.60 -6.77 23.29
C LEU A 4 -13.95 -5.54 23.89
N VAL A 5 -12.88 -5.07 23.27
CA VAL A 5 -12.18 -3.87 23.75
C VAL A 5 -12.44 -2.75 22.77
N GLU A 6 -12.80 -1.58 23.28
CA GLU A 6 -13.33 -0.50 22.46
C GLU A 6 -12.49 0.75 22.61
N GLY A 7 -12.45 1.54 21.52
CA GLY A 7 -11.77 2.82 21.52
C GLY A 7 -10.27 2.73 21.76
N VAL A 8 -9.65 1.61 21.39
CA VAL A 8 -8.23 1.43 21.68
C VAL A 8 -7.41 2.36 20.81
N GLU A 9 -6.34 2.90 21.38
CA GLU A 9 -5.38 3.69 20.63
C GLU A 9 -4.12 2.85 20.53
N LEU A 10 -3.81 2.36 19.34
CA LEU A 10 -2.63 1.54 19.12
C LEU A 10 -1.45 2.44 18.83
N THR A 11 -0.41 2.36 19.65
CA THR A 11 0.72 3.25 19.55
C THR A 11 2.02 2.53 19.20
N LYS A 12 1.96 1.26 18.83
CA LYS A 12 3.15 0.48 18.54
C LYS A 12 2.73 -0.72 17.70
N TYR A 13 3.65 -1.21 16.84
CA TYR A 13 3.33 -2.29 15.89
C TYR A 13 4.60 -3.10 15.64
N ILE A 14 4.52 -4.42 15.81
CA ILE A 14 5.70 -5.28 15.91
C ILE A 14 5.61 -6.35 14.85
N SER A 15 6.58 -6.39 13.96
CA SER A 15 6.91 -7.59 13.20
C SER A 15 8.14 -8.21 13.83
N ASP A 16 8.13 -9.52 13.96
CA ASP A 16 9.12 -10.25 14.75
C ASP A 16 9.23 -11.64 14.14
N ILE A 17 10.42 -12.02 13.67
CA ILE A 17 10.64 -13.33 13.08
C ILE A 17 11.55 -14.20 13.92
N ASN A 18 11.81 -13.81 15.17
CA ASN A 18 12.44 -14.73 16.12
C ASN A 18 11.49 -15.88 16.46
N ASN A 19 12.05 -17.07 16.55
CA ASN A 19 11.27 -18.30 16.70
C ASN A 19 10.28 -18.25 17.87
N ASN A 20 9.09 -18.82 17.66
CA ASN A 20 8.02 -18.88 18.65
C ASN A 20 7.52 -17.51 19.11
N THR A 21 8.43 -16.55 19.28
CA THR A 21 7.99 -15.17 19.50
C THR A 21 7.51 -14.51 18.20
N ASP A 22 7.61 -15.22 17.08
CA ASP A 22 7.33 -14.62 15.80
C ASP A 22 5.84 -14.38 15.63
N GLY A 23 5.51 -13.43 14.75
CA GLY A 23 4.15 -13.01 14.50
C GLY A 23 4.05 -11.52 14.56
N MET A 24 2.82 -11.03 14.49
CA MET A 24 2.55 -9.61 14.40
C MET A 24 1.70 -9.17 15.57
N TYR A 25 2.14 -8.12 16.24
CA TYR A 25 1.51 -7.68 17.48
C TYR A 25 1.34 -6.17 17.42
N VAL A 26 0.34 -5.68 18.16
CA VAL A 26 0.10 -4.26 18.37
C VAL A 26 0.05 -3.98 19.87
N VAL A 27 0.40 -2.74 20.25
CA VAL A 27 0.43 -2.31 21.64
C VAL A 27 -0.30 -0.98 21.77
N SER A 28 -1.25 -0.92 22.71
CA SER A 28 -2.01 0.29 22.95
C SER A 28 -1.18 1.29 23.76
N SER A 29 -1.81 2.40 24.10
CA SER A 29 -1.16 3.36 24.99
C SER A 29 -1.04 2.82 26.41
N THR A 30 -1.97 1.97 26.82
CA THR A 30 -1.93 1.35 28.14
C THR A 30 -0.91 0.23 28.28
N GLY A 31 -0.18 -0.12 27.23
CA GLY A 31 0.67 -1.28 27.28
C GLY A 31 -0.03 -2.60 27.04
N GLY A 32 -1.36 -2.64 27.01
CA GLY A 32 -2.02 -3.85 26.53
C GLY A 32 -1.51 -4.25 25.16
N VAL A 33 -1.36 -5.56 24.95
CA VAL A 33 -0.67 -6.12 23.80
C VAL A 33 -1.58 -7.18 23.21
N TRP A 34 -1.75 -7.14 21.89
CA TRP A 34 -2.54 -8.15 21.21
C TRP A 34 -1.73 -8.77 20.09
N ARG A 35 -2.20 -9.92 19.62
CA ARG A 35 -1.54 -10.66 18.56
C ARG A 35 -2.49 -10.76 17.38
N ILE A 36 -2.02 -10.41 16.21
CA ILE A 36 -2.82 -10.56 15.01
C ILE A 36 -2.83 -12.03 14.63
N SER A 37 -4.00 -12.54 14.25
CA SER A 37 -4.08 -13.89 13.71
C SER A 37 -3.28 -14.01 12.42
N ARG A 38 -3.07 -15.25 12.00
CA ARG A 38 -2.46 -15.55 10.72
C ARG A 38 -3.25 -16.65 10.04
N ALA A 39 -3.08 -16.72 8.72
CA ALA A 39 -3.69 -17.76 7.92
C ALA A 39 -2.95 -17.80 6.59
N LYS A 40 -2.87 -19.01 6.01
CA LYS A 40 -2.19 -19.24 4.75
C LYS A 40 -3.13 -19.34 3.56
N ASP A 41 -4.42 -19.55 3.79
CA ASP A 41 -5.34 -19.91 2.73
C ASP A 41 -6.31 -18.78 2.43
N TYR A 42 -6.90 -18.83 1.25
CA TYR A 42 -8.10 -18.06 0.97
C TYR A 42 -9.24 -18.62 1.81
N PRO A 43 -10.16 -17.79 2.29
CA PRO A 43 -10.19 -16.32 2.23
C PRO A 43 -9.57 -15.67 3.44
N ASP A 44 -9.24 -16.45 4.49
CA ASP A 44 -8.78 -15.82 5.73
C ASP A 44 -7.45 -15.11 5.53
N ASN A 45 -6.61 -15.58 4.61
CA ASN A 45 -5.41 -14.82 4.31
C ASN A 45 -5.71 -13.43 3.74
N VAL A 46 -6.90 -13.23 3.13
CA VAL A 46 -7.37 -11.87 2.85
C VAL A 46 -7.59 -11.11 4.15
N MET A 47 -8.34 -11.70 5.06
CA MET A 47 -8.78 -10.98 6.25
C MET A 47 -7.64 -10.70 7.21
N THR A 48 -6.67 -11.60 7.33
CA THR A 48 -5.57 -11.33 8.25
C THR A 48 -4.63 -10.28 7.70
N ALA A 49 -4.48 -10.23 6.37
CA ALA A 49 -3.75 -9.15 5.70
C ALA A 49 -4.43 -7.81 5.95
N GLU A 50 -5.77 -7.80 5.90
CA GLU A 50 -6.50 -6.56 6.13
C GLU A 50 -6.41 -6.15 7.59
N MET A 51 -6.39 -7.14 8.49
CA MET A 51 -6.10 -6.90 9.91
C MET A 51 -4.79 -6.15 10.10
N ARG A 52 -3.70 -6.65 9.49
CA ARG A 52 -2.40 -5.98 9.57
C ARG A 52 -2.46 -4.57 9.00
N LYS A 53 -3.14 -4.40 7.86
CA LYS A 53 -3.25 -3.08 7.25
C LYS A 53 -3.97 -2.12 8.17
N ILE A 54 -5.02 -2.61 8.85
CA ILE A 54 -5.77 -1.80 9.79
C ILE A 54 -4.87 -1.36 10.95
N ALA A 55 -4.18 -2.32 11.56
CA ALA A 55 -3.26 -2.02 12.66
C ALA A 55 -2.24 -0.97 12.27
N MET A 56 -1.64 -1.10 11.08
CA MET A 56 -0.66 -0.09 10.69
C MET A 56 -1.32 1.27 10.48
N ALA A 57 -2.55 1.29 9.94
CA ALA A 57 -3.26 2.55 9.76
C ALA A 57 -3.46 3.27 11.09
N ALA A 58 -3.97 2.55 12.11
CA ALA A 58 -4.21 3.19 13.39
C ALA A 58 -2.93 3.81 13.96
N VAL A 59 -1.90 2.99 14.13
CA VAL A 59 -0.63 3.46 14.72
C VAL A 59 -0.14 4.72 14.02
N LEU A 60 -0.10 4.70 12.69
CA LEU A 60 0.40 5.85 11.94
C LEU A 60 -0.38 7.11 12.25
N SER A 61 -1.70 7.04 12.20
CA SER A 61 -2.53 8.22 12.30
C SER A 61 -3.22 8.37 13.64
N GLY A 62 -3.06 7.40 14.54
CA GLY A 62 -3.70 7.49 15.83
C GLY A 62 -5.21 7.54 15.76
N MET A 63 -5.81 6.82 14.82
CA MET A 63 -7.24 6.57 14.93
C MET A 63 -7.47 5.38 15.87
N ARG A 64 -8.69 5.27 16.38
CA ARG A 64 -8.98 4.22 17.35
C ARG A 64 -9.51 2.98 16.65
N VAL A 65 -9.41 1.85 17.34
CA VAL A 65 -9.84 0.56 16.82
C VAL A 65 -10.56 -0.20 17.92
N ASN A 66 -11.60 -0.92 17.54
CA ASN A 66 -12.28 -1.85 18.41
C ASN A 66 -11.83 -3.26 18.08
N MET A 67 -11.63 -4.08 19.12
CA MET A 67 -11.08 -5.40 18.91
C MET A 67 -11.95 -6.46 19.57
N CYS A 68 -11.92 -7.62 18.95
CA CYS A 68 -12.58 -8.85 19.35
C CYS A 68 -11.49 -9.89 19.48
N ALA A 69 -10.99 -10.11 20.71
CA ALA A 69 -9.85 -10.97 20.96
C ALA A 69 -10.24 -12.17 21.82
N SER A 70 -9.44 -13.24 21.71
CA SER A 70 -9.67 -14.49 22.41
C SER A 70 -8.83 -14.57 23.68
N PRO A 71 -9.43 -14.54 24.88
CA PRO A 71 -8.63 -14.49 26.11
C PRO A 71 -7.89 -15.78 26.44
N ALA A 72 -8.04 -16.84 25.64
CA ALA A 72 -7.51 -18.14 25.99
C ALA A 72 -6.01 -18.23 25.90
N SER A 73 -5.34 -17.21 25.36
CA SER A 73 -3.89 -17.21 25.20
C SER A 73 -3.37 -15.79 25.33
N SER A 74 -2.05 -15.68 25.50
CA SER A 74 -1.37 -14.42 25.84
C SER A 74 -0.12 -14.21 24.99
N PRO A 75 -0.03 -13.09 24.23
CA PRO A 75 -1.03 -12.01 24.09
C PRO A 75 -2.34 -12.51 23.49
N ASN A 76 -3.45 -11.79 23.65
CA ASN A 76 -4.71 -12.20 23.04
C ASN A 76 -4.62 -12.16 21.52
N VAL A 77 -5.32 -13.08 20.85
CA VAL A 77 -5.36 -13.16 19.39
C VAL A 77 -6.57 -12.40 18.91
N ILE A 78 -6.36 -11.53 17.92
CA ILE A 78 -7.46 -10.72 17.39
C ILE A 78 -8.23 -11.52 16.37
N TRP A 79 -9.51 -11.76 16.65
CA TRP A 79 -10.42 -12.49 15.79
C TRP A 79 -11.28 -11.57 14.96
N ALA A 80 -11.27 -10.27 15.27
CA ALA A 80 -11.99 -9.25 14.53
C ALA A 80 -11.47 -7.89 14.98
N ILE A 81 -11.31 -6.97 14.02
CA ILE A 81 -10.88 -5.61 14.33
C ILE A 81 -11.74 -4.65 13.52
N GLU A 82 -11.85 -3.42 14.00
CA GLU A 82 -12.68 -2.41 13.35
C GLU A 82 -12.01 -1.07 13.46
N LEU A 83 -11.64 -0.49 12.31
CA LEU A 83 -10.99 0.79 12.24
C LEU A 83 -12.07 1.85 12.05
N GLU A 84 -12.01 2.94 12.81
CA GLU A 84 -13.14 3.87 12.81
C GLU A 84 -12.67 5.29 12.58
N ALA A 85 -13.33 5.97 11.65
CA ALA A 85 -12.97 7.34 11.32
C ALA A 85 -13.21 8.25 12.50
N GLU A 86 -12.35 9.26 12.65
CA GLU A 86 -12.51 10.21 13.74
C GLU A 86 -13.66 11.16 13.41
N GLY A 87 -14.64 11.19 14.29
CA GLY A 87 -15.91 11.85 14.00
C GLY A 87 -17.04 11.14 14.72
N SER A 88 -17.39 9.93 14.27
CA SER A 88 -18.49 9.20 14.93
C SER A 88 -18.17 8.95 16.39
N GLY A 89 -17.06 8.27 16.66
CA GLY A 89 -16.59 7.98 18.01
C GLY A 89 -17.66 7.67 19.03
N SER A 90 -18.60 6.78 18.71
CA SER A 90 -19.67 6.40 19.61
C SER A 90 -19.48 5.00 20.19
N GLY A 91 -18.23 4.57 20.31
CA GLY A 91 -17.95 3.18 20.58
C GLY A 91 -17.88 2.41 19.28
N ALA A 92 -17.99 1.09 19.42
CA ALA A 92 -17.99 0.24 18.26
C ALA A 92 -19.35 0.28 17.60
N SER A 93 -19.36 0.02 16.30
CA SER A 93 -20.62 -0.19 15.60
C SER A 93 -21.42 -1.29 16.30
N GLN A 94 -22.74 -1.12 16.28
CA GLN A 94 -23.61 -2.18 16.80
C GLN A 94 -23.29 -3.51 16.13
N PHE A 95 -23.12 -3.49 14.81
CA PHE A 95 -22.77 -4.69 14.05
C PHE A 95 -21.54 -5.40 14.62
N PHE A 96 -20.53 -4.64 15.04
CA PHE A 96 -19.30 -5.29 15.49
C PHE A 96 -19.41 -5.76 16.94
N LYS A 97 -20.17 -5.04 17.79
CA LYS A 97 -20.44 -5.53 19.14
C LYS A 97 -21.30 -6.78 19.13
N ASP A 98 -22.13 -6.95 18.09
CA ASP A 98 -23.06 -8.06 18.09
C ASP A 98 -22.45 -9.33 17.54
N ASN A 99 -21.46 -9.20 16.65
CA ASN A 99 -20.80 -10.40 16.11
C ASN A 99 -19.83 -11.01 17.10
N CYS A 100 -19.31 -10.22 18.05
CA CYS A 100 -18.38 -10.74 19.04
C CYS A 100 -19.07 -11.12 20.34
N ASN A 101 -20.31 -10.69 20.54
CA ASN A 101 -21.16 -11.21 21.61
C ASN A 101 -21.98 -12.40 21.14
N ARG A 102 -21.39 -13.22 20.27
CA ARG A 102 -21.95 -14.51 19.87
C ARG A 102 -20.86 -15.57 19.62
N THR A 103 -19.64 -15.36 20.14
CA THR A 103 -18.56 -16.39 20.11
C THR A 103 -17.74 -16.54 21.42
N THR B 1 -32.24 -6.39 -9.86
CA THR B 1 -32.48 -6.35 -8.42
C THR B 1 -31.36 -5.61 -7.68
N ALA B 2 -30.22 -5.41 -8.35
CA ALA B 2 -29.09 -4.72 -7.73
C ALA B 2 -29.51 -3.33 -7.29
N SER B 3 -29.16 -2.98 -6.07
CA SER B 3 -29.43 -1.65 -5.55
C SER B 3 -28.30 -0.71 -5.96
N LEU B 4 -28.56 0.60 -5.89
CA LEU B 4 -27.51 1.57 -6.12
C LEU B 4 -27.54 2.60 -4.99
N VAL B 5 -26.47 2.63 -4.20
CA VAL B 5 -26.34 3.53 -3.07
C VAL B 5 -25.37 4.63 -3.45
N GLU B 6 -25.66 5.87 -3.04
CA GLU B 6 -24.93 7.05 -3.48
C GLU B 6 -24.50 7.89 -2.30
N GLY B 7 -23.40 8.63 -2.52
CA GLY B 7 -22.85 9.56 -1.55
C GLY B 7 -22.73 9.00 -0.16
N VAL B 8 -22.43 7.71 -0.07
CA VAL B 8 -22.21 7.06 1.21
C VAL B 8 -20.90 7.55 1.80
N GLU B 9 -20.92 7.88 3.07
CA GLU B 9 -19.70 8.17 3.84
C GLU B 9 -19.46 6.98 4.74
N LEU B 10 -18.35 6.28 4.52
CA LEU B 10 -18.02 5.07 5.26
C LEU B 10 -17.19 5.41 6.48
N THR B 11 -17.62 4.93 7.66
CA THR B 11 -16.97 5.29 8.91
C THR B 11 -16.16 4.18 9.55
N LYS B 12 -16.26 2.94 9.05
CA LYS B 12 -15.67 1.81 9.75
C LYS B 12 -15.25 0.75 8.76
N TYR B 13 -14.14 0.09 9.06
CA TYR B 13 -13.59 -1.03 8.29
C TYR B 13 -13.35 -2.18 9.25
N ILE B 14 -13.88 -3.36 8.94
CA ILE B 14 -13.86 -4.51 9.84
C ILE B 14 -13.26 -5.70 9.12
N SER B 15 -12.23 -6.31 9.71
CA SER B 15 -11.82 -7.63 9.29
C SER B 15 -12.23 -8.65 10.33
N ASP B 16 -12.73 -9.78 9.85
CA ASP B 16 -13.39 -10.74 10.72
C ASP B 16 -13.04 -12.13 10.25
N ILE B 17 -12.57 -12.98 11.18
CA ILE B 17 -12.37 -14.39 10.93
C ILE B 17 -13.26 -15.26 11.78
N ASN B 18 -14.14 -14.68 12.60
CA ASN B 18 -15.09 -15.48 13.36
C ASN B 18 -16.00 -16.24 12.41
N ASN B 19 -16.31 -17.48 12.77
CA ASN B 19 -17.07 -18.37 11.90
C ASN B 19 -18.37 -17.72 11.43
N ASN B 20 -18.81 -18.15 10.27
CA ASN B 20 -19.95 -17.55 9.57
C ASN B 20 -19.69 -16.08 9.26
N THR B 21 -19.68 -15.24 10.29
CA THR B 21 -19.53 -13.81 10.10
C THR B 21 -18.12 -13.39 9.73
N ASP B 22 -17.39 -14.19 8.94
CA ASP B 22 -16.07 -13.76 8.55
C ASP B 22 -16.07 -13.12 7.14
N GLY B 23 -15.23 -12.13 6.97
CA GLY B 23 -15.10 -11.41 5.74
C GLY B 23 -14.76 -9.97 6.03
N MET B 24 -14.83 -9.14 4.99
CA MET B 24 -14.63 -7.72 5.22
C MET B 24 -15.95 -6.98 5.17
N TYR B 25 -16.02 -5.95 6.00
CA TYR B 25 -17.28 -5.24 6.22
C TYR B 25 -16.96 -3.77 6.38
N VAL B 26 -17.87 -2.95 5.87
CA VAL B 26 -17.77 -1.50 5.99
C VAL B 26 -19.10 -1.01 6.53
N VAL B 27 -19.06 0.00 7.40
CA VAL B 27 -20.24 0.59 7.99
C VAL B 27 -20.25 2.08 7.67
N SER B 28 -21.39 2.54 7.15
CA SER B 28 -21.58 3.93 6.77
C SER B 28 -21.89 4.79 7.99
N SER B 29 -21.81 6.10 7.77
CA SER B 29 -22.22 7.05 8.80
C SER B 29 -23.61 6.72 9.33
N THR B 30 -24.50 6.27 8.46
CA THR B 30 -25.88 5.98 8.85
C THR B 30 -26.03 4.62 9.51
N GLY B 31 -24.91 3.98 9.85
CA GLY B 31 -24.94 2.65 10.42
C GLY B 31 -25.19 1.55 9.43
N GLY B 32 -25.23 1.85 8.14
CA GLY B 32 -25.46 0.81 7.14
C GLY B 32 -24.25 -0.09 6.95
N VAL B 33 -24.51 -1.38 6.75
CA VAL B 33 -23.50 -2.42 6.80
C VAL B 33 -23.49 -3.21 5.50
N TRP B 34 -22.35 -3.23 4.82
CA TRP B 34 -22.19 -3.96 3.57
C TRP B 34 -21.01 -4.90 3.68
N ARG B 35 -21.05 -5.98 2.89
CA ARG B 35 -19.97 -6.95 2.83
C ARG B 35 -19.21 -6.85 1.51
N ILE B 36 -17.89 -6.73 1.61
CA ILE B 36 -17.01 -6.65 0.45
C ILE B 36 -16.92 -8.01 -0.21
N SER B 37 -17.04 -8.04 -1.53
CA SER B 37 -16.97 -9.29 -2.26
C SER B 37 -15.61 -9.95 -2.09
N ARG B 38 -15.52 -11.20 -2.54
CA ARG B 38 -14.23 -11.88 -2.57
C ARG B 38 -14.21 -12.86 -3.74
N ALA B 39 -13.00 -13.30 -4.07
CA ALA B 39 -12.77 -14.33 -5.07
C ALA B 39 -11.30 -14.71 -5.02
N LYS B 40 -11.01 -15.98 -5.30
CA LYS B 40 -9.66 -16.53 -5.21
C LYS B 40 -8.85 -16.40 -6.48
N ASP B 41 -9.49 -16.55 -7.64
CA ASP B 41 -8.79 -16.71 -8.90
C ASP B 41 -8.72 -15.41 -9.68
N TYR B 42 -7.82 -15.39 -10.67
CA TYR B 42 -7.80 -14.31 -11.66
C TYR B 42 -9.07 -14.35 -12.51
N PRO B 43 -9.69 -13.20 -12.78
CA PRO B 43 -9.25 -11.82 -12.56
C PRO B 43 -9.87 -11.08 -11.39
N ASP B 44 -10.99 -11.59 -10.83
CA ASP B 44 -11.74 -10.83 -9.85
C ASP B 44 -10.94 -10.55 -8.57
N ASN B 45 -10.00 -11.43 -8.21
CA ASN B 45 -9.20 -11.15 -7.01
C ASN B 45 -8.54 -9.79 -7.08
N VAL B 46 -8.22 -9.33 -8.30
CA VAL B 46 -7.76 -7.96 -8.53
C VAL B 46 -8.84 -6.96 -8.13
N MET B 47 -10.06 -7.12 -8.69
CA MET B 47 -11.11 -6.15 -8.39
C MET B 47 -11.48 -6.13 -6.92
N THR B 48 -11.65 -7.30 -6.32
CA THR B 48 -11.99 -7.34 -4.90
C THR B 48 -10.84 -6.85 -4.03
N ALA B 49 -9.60 -7.06 -4.46
CA ALA B 49 -8.47 -6.39 -3.81
C ALA B 49 -8.64 -4.88 -3.82
N GLU B 50 -8.90 -4.31 -5.01
CA GLU B 50 -9.06 -2.87 -5.12
C GLU B 50 -10.30 -2.40 -4.38
N MET B 51 -11.37 -3.21 -4.41
CA MET B 51 -12.55 -2.99 -3.59
C MET B 51 -12.21 -2.83 -2.11
N ARG B 52 -11.37 -3.72 -1.59
CA ARG B 52 -10.87 -3.53 -0.22
C ARG B 52 -10.05 -2.26 -0.11
N LYS B 53 -9.26 -1.95 -1.16
CA LYS B 53 -8.43 -0.75 -1.12
C LYS B 53 -9.27 0.52 -1.06
N ILE B 54 -10.39 0.55 -1.81
CA ILE B 54 -11.23 1.74 -1.89
C ILE B 54 -11.99 1.94 -0.58
N ALA B 55 -12.49 0.86 0.00
CA ALA B 55 -13.21 1.00 1.26
C ALA B 55 -12.31 1.60 2.34
N MET B 56 -11.04 1.20 2.42
CA MET B 56 -10.19 1.87 3.39
C MET B 56 -9.94 3.34 3.06
N ALA B 57 -9.58 3.64 1.80
CA ALA B 57 -9.29 5.02 1.45
C ALA B 57 -10.45 5.93 1.85
N ALA B 58 -11.67 5.54 1.47
CA ALA B 58 -12.87 6.26 1.90
C ALA B 58 -12.88 6.44 3.42
N VAL B 59 -12.72 5.35 4.16
CA VAL B 59 -12.80 5.43 5.61
C VAL B 59 -11.68 6.29 6.17
N LEU B 60 -10.44 6.01 5.74
CA LEU B 60 -9.30 6.75 6.28
C LEU B 60 -9.38 8.25 5.99
N SER B 61 -9.99 8.65 4.86
CA SER B 61 -10.01 10.06 4.45
C SER B 61 -11.40 10.68 4.35
N GLY B 62 -12.48 9.90 4.35
CA GLY B 62 -13.81 10.45 4.36
C GLY B 62 -14.43 10.69 3.00
N MET B 63 -13.71 10.43 1.91
CA MET B 63 -14.27 10.60 0.58
C MET B 63 -15.50 9.72 0.43
N ARG B 64 -16.38 10.16 -0.46
CA ARG B 64 -17.63 9.46 -0.68
C ARG B 64 -17.41 8.25 -1.58
N VAL B 65 -18.36 7.31 -1.51
CA VAL B 65 -18.36 6.12 -2.35
C VAL B 65 -19.75 5.92 -2.90
N ASN B 66 -19.83 5.27 -4.06
CA ASN B 66 -21.08 4.79 -4.60
C ASN B 66 -20.93 3.29 -4.76
N MET B 67 -21.98 2.55 -4.46
CA MET B 67 -21.87 1.10 -4.54
C MET B 67 -23.05 0.53 -5.28
N CYS B 68 -22.76 -0.48 -6.10
CA CYS B 68 -23.76 -1.42 -6.60
C CYS B 68 -23.81 -2.59 -5.62
N ALA B 69 -24.92 -2.71 -4.88
CA ALA B 69 -25.03 -3.74 -3.86
C ALA B 69 -26.14 -4.73 -4.21
N SER B 70 -25.90 -5.99 -3.87
CA SER B 70 -26.93 -7.00 -3.96
C SER B 70 -27.76 -7.00 -2.68
N PRO B 71 -29.06 -6.71 -2.75
CA PRO B 71 -29.91 -6.73 -1.54
C PRO B 71 -30.33 -8.14 -1.10
N ALA B 72 -29.95 -9.16 -1.86
CA ALA B 72 -30.36 -10.56 -1.66
C ALA B 72 -29.79 -11.20 -0.40
N SER B 73 -29.02 -10.50 0.43
CA SER B 73 -28.42 -11.11 1.60
C SER B 73 -28.12 -10.03 2.62
N SER B 74 -27.95 -10.45 3.88
CA SER B 74 -27.73 -9.52 4.97
C SER B 74 -26.41 -9.81 5.68
N PRO B 75 -25.44 -8.89 5.65
CA PRO B 75 -25.52 -7.58 5.01
C PRO B 75 -25.45 -7.70 3.51
N ASN B 76 -25.77 -6.63 2.78
CA ASN B 76 -25.68 -6.69 1.33
C ASN B 76 -24.22 -6.82 0.91
N VAL B 77 -24.02 -7.49 -0.17
CA VAL B 77 -22.70 -7.65 -0.74
C VAL B 77 -22.42 -6.51 -1.68
N ILE B 78 -21.17 -6.07 -1.72
CA ILE B 78 -20.77 -5.03 -2.66
C ILE B 78 -20.30 -5.69 -3.95
N TRP B 79 -20.94 -5.34 -5.08
CA TRP B 79 -20.58 -5.87 -6.38
C TRP B 79 -19.83 -4.87 -7.25
N ALA B 80 -20.06 -3.57 -7.06
CA ALA B 80 -19.22 -2.54 -7.64
C ALA B 80 -19.11 -1.39 -6.66
N ILE B 81 -17.95 -0.74 -6.63
CA ILE B 81 -17.73 0.43 -5.78
C ILE B 81 -16.97 1.49 -6.57
N GLU B 82 -17.40 2.74 -6.41
CA GLU B 82 -16.85 3.89 -7.12
C GLU B 82 -16.39 4.89 -6.08
N LEU B 83 -15.07 5.14 -6.03
CA LEU B 83 -14.50 6.09 -5.10
C LEU B 83 -14.42 7.46 -5.77
N GLU B 84 -14.98 8.49 -5.12
CA GLU B 84 -15.17 9.78 -5.77
C GLU B 84 -14.52 10.90 -4.96
N ALA B 85 -13.90 11.84 -5.68
CA ALA B 85 -13.13 12.94 -5.12
C ALA B 85 -14.02 14.10 -4.72
N GLU B 86 -13.46 14.98 -3.90
CA GLU B 86 -14.19 16.12 -3.37
C GLU B 86 -14.50 17.16 -4.44
N GLY B 87 -14.07 16.95 -5.68
CA GLY B 87 -14.40 17.85 -6.77
C GLY B 87 -15.83 17.65 -7.25
N SER B 88 -16.70 17.27 -6.32
CA SER B 88 -18.11 16.98 -6.57
C SER B 88 -18.26 15.83 -7.57
N GLY B 89 -18.63 16.14 -8.81
CA GLY B 89 -18.85 15.14 -9.84
C GLY B 89 -20.30 14.82 -10.11
N SER B 90 -21.25 15.54 -9.49
CA SER B 90 -22.69 15.33 -9.68
C SER B 90 -23.11 13.98 -9.06
N GLY B 91 -22.60 13.67 -7.87
CA GLY B 91 -22.83 12.37 -7.27
C GLY B 91 -22.20 11.27 -8.10
N ALA B 92 -22.89 10.13 -8.17
CA ALA B 92 -22.39 8.99 -8.93
C ALA B 92 -22.31 9.31 -10.43
N SER B 93 -21.33 8.69 -11.09
CA SER B 93 -21.10 8.85 -12.51
C SER B 93 -22.10 8.04 -13.33
N GLN B 94 -22.39 8.53 -14.53
CA GLN B 94 -23.29 7.80 -15.42
C GLN B 94 -22.75 6.42 -15.76
N PHE B 95 -21.44 6.31 -15.96
CA PHE B 95 -20.89 4.98 -16.28
C PHE B 95 -21.25 3.98 -15.19
N PHE B 96 -21.09 4.38 -13.92
CA PHE B 96 -21.41 3.48 -12.81
C PHE B 96 -22.88 3.07 -12.85
N LYS B 97 -23.78 4.07 -12.72
CA LYS B 97 -25.21 3.84 -12.71
C LYS B 97 -25.65 2.93 -13.85
N ASP B 98 -25.14 3.21 -15.05
CA ASP B 98 -25.52 2.41 -16.21
C ASP B 98 -25.27 0.93 -15.99
N ASN B 99 -24.23 0.58 -15.23
CA ASN B 99 -23.90 -0.83 -15.07
C ASN B 99 -24.52 -1.46 -13.83
N CYS B 100 -25.01 -0.65 -12.90
CA CYS B 100 -25.76 -1.15 -11.76
C CYS B 100 -27.21 -1.43 -12.13
N ASN B 101 -27.78 -0.56 -12.98
CA ASN B 101 -29.12 -0.69 -13.52
C ASN B 101 -29.21 -1.65 -14.70
N ARG B 102 -28.19 -2.51 -14.90
CA ARG B 102 -28.13 -3.47 -16.00
C ARG B 102 -27.75 -4.86 -15.47
N THR B 103 -28.49 -5.31 -14.47
CA THR B 103 -28.39 -6.69 -13.96
C THR B 103 -29.57 -7.03 -13.04
N THR C 1 -1.79 4.20 -34.06
CA THR C 1 -3.17 4.66 -33.85
C THR C 1 -3.44 4.97 -32.38
N ALA C 2 -2.57 4.51 -31.49
CA ALA C 2 -2.68 4.81 -30.07
C ALA C 2 -2.88 6.31 -29.86
N SER C 3 -3.76 6.66 -28.93
CA SER C 3 -4.10 8.06 -28.66
C SER C 3 -3.48 8.53 -27.36
N LEU C 4 -2.96 9.75 -27.38
CA LEU C 4 -2.39 10.40 -26.21
C LEU C 4 -3.42 11.32 -25.57
N VAL C 5 -3.60 11.20 -24.27
CA VAL C 5 -4.41 12.18 -23.56
C VAL C 5 -3.55 12.74 -22.44
N GLU C 6 -3.82 13.99 -22.09
CA GLU C 6 -2.82 14.79 -21.41
C GLU C 6 -3.47 15.65 -20.35
N GLY C 7 -2.93 15.56 -19.13
CA GLY C 7 -3.41 16.40 -18.05
C GLY C 7 -4.78 16.03 -17.59
N VAL C 8 -5.18 14.77 -17.77
CA VAL C 8 -6.45 14.28 -17.25
C VAL C 8 -6.50 14.41 -15.73
N GLU C 9 -7.59 14.97 -15.23
CA GLU C 9 -7.90 14.91 -13.80
C GLU C 9 -8.87 13.76 -13.59
N LEU C 10 -8.39 12.68 -12.97
CA LEU C 10 -9.25 11.54 -12.67
C LEU C 10 -10.04 11.83 -11.41
N THR C 11 -11.36 11.74 -11.49
CA THR C 11 -12.16 12.02 -10.29
C THR C 11 -12.91 10.80 -9.73
N LYS C 12 -12.83 9.64 -10.37
CA LYS C 12 -13.62 8.51 -9.94
C LYS C 12 -12.86 7.24 -10.25
N TYR C 13 -12.77 6.34 -9.26
CA TYR C 13 -12.05 5.08 -9.34
C TYR C 13 -13.04 3.96 -9.07
N ILE C 14 -13.08 2.96 -9.94
CA ILE C 14 -14.18 1.99 -9.94
C ILE C 14 -13.59 0.60 -9.96
N SER C 15 -13.96 -0.21 -8.97
CA SER C 15 -13.85 -1.65 -9.04
C SER C 15 -15.24 -2.22 -9.24
N ASP C 16 -15.36 -3.21 -10.13
CA ASP C 16 -16.64 -3.80 -10.50
C ASP C 16 -16.39 -5.24 -10.89
N ILE C 17 -17.19 -6.17 -10.36
CA ILE C 17 -17.09 -7.58 -10.70
C ILE C 17 -18.33 -8.11 -11.37
N ASN C 18 -19.35 -7.27 -11.56
CA ASN C 18 -20.50 -7.61 -12.39
C ASN C 18 -20.04 -8.14 -13.75
N ASN C 19 -20.72 -9.19 -14.22
CA ASN C 19 -20.33 -9.80 -15.48
C ASN C 19 -20.56 -8.82 -16.63
N ASN C 20 -19.80 -9.00 -17.71
CA ASN C 20 -19.88 -8.17 -18.91
C ASN C 20 -19.51 -6.72 -18.61
N THR C 21 -19.17 -6.44 -17.36
CA THR C 21 -18.70 -5.12 -16.98
C THR C 21 -17.71 -5.20 -15.81
N ASP C 22 -16.94 -6.29 -15.73
CA ASP C 22 -15.92 -6.45 -14.69
C ASP C 22 -14.64 -5.75 -15.10
N GLY C 23 -13.79 -5.47 -14.13
CA GLY C 23 -12.57 -4.75 -14.37
C GLY C 23 -12.55 -3.43 -13.65
N MET C 24 -11.44 -2.71 -13.82
CA MET C 24 -11.26 -1.44 -13.14
C MET C 24 -11.40 -0.31 -14.14
N TYR C 25 -12.01 0.77 -13.70
CA TYR C 25 -12.31 1.89 -14.56
C TYR C 25 -11.97 3.16 -13.81
N VAL C 26 -11.72 4.22 -14.58
CA VAL C 26 -11.56 5.55 -14.04
C VAL C 26 -12.45 6.47 -14.85
N VAL C 27 -12.84 7.57 -14.23
CA VAL C 27 -13.67 8.58 -14.87
C VAL C 27 -12.98 9.92 -14.71
N SER C 28 -12.91 10.67 -15.82
CA SER C 28 -12.24 11.96 -15.88
C SER C 28 -13.14 13.06 -15.33
N SER C 29 -12.53 14.19 -14.98
CA SER C 29 -13.33 15.32 -14.52
C SER C 29 -14.42 15.64 -15.53
N THR C 30 -14.11 15.58 -16.82
CA THR C 30 -15.07 15.88 -17.89
C THR C 30 -15.88 14.65 -18.32
N GLY C 31 -15.77 13.54 -17.60
CA GLY C 31 -16.55 12.38 -17.95
C GLY C 31 -15.94 11.45 -18.97
N GLY C 32 -14.66 11.59 -19.26
CA GLY C 32 -13.98 10.54 -20.00
C GLY C 32 -13.95 9.26 -19.18
N VAL C 33 -14.31 8.13 -19.77
CA VAL C 33 -14.29 6.86 -19.06
C VAL C 33 -13.24 5.98 -19.71
N TRP C 34 -12.33 5.43 -18.89
CA TRP C 34 -11.35 4.49 -19.36
C TRP C 34 -11.34 3.25 -18.48
N ARG C 35 -11.03 2.14 -19.11
CA ARG C 35 -10.79 0.88 -18.44
C ARG C 35 -9.29 0.65 -18.32
N ILE C 36 -8.87 0.21 -17.13
CA ILE C 36 -7.47 -0.08 -16.89
C ILE C 36 -7.15 -1.45 -17.45
N SER C 37 -5.93 -1.62 -17.96
CA SER C 37 -5.54 -2.91 -18.46
C SER C 37 -5.47 -3.93 -17.32
N ARG C 38 -5.17 -5.17 -17.66
CA ARG C 38 -5.11 -6.24 -16.70
C ARG C 38 -4.28 -7.37 -17.29
N ALA C 39 -3.61 -8.13 -16.43
CA ALA C 39 -2.77 -9.21 -16.91
C ALA C 39 -2.45 -10.18 -15.78
N LYS C 40 -2.55 -11.47 -16.09
CA LYS C 40 -2.17 -12.49 -15.12
C LYS C 40 -0.65 -12.56 -14.99
N ASP C 41 0.04 -12.85 -16.09
CA ASP C 41 1.42 -13.33 -16.04
C ASP C 41 2.45 -12.19 -15.91
N TYR C 42 3.62 -12.58 -15.40
CA TYR C 42 4.79 -11.72 -15.43
C TYR C 42 5.19 -11.44 -16.89
N PRO C 43 5.69 -10.24 -17.20
CA PRO C 43 5.93 -9.11 -16.31
C PRO C 43 4.85 -8.04 -16.32
N ASP C 44 3.76 -8.22 -17.05
CA ASP C 44 2.81 -7.12 -17.18
C ASP C 44 1.97 -6.93 -15.93
N ASN C 45 1.66 -8.03 -15.20
CA ASN C 45 0.94 -7.94 -13.94
C ASN C 45 1.63 -6.95 -12.98
N VAL C 46 2.95 -6.82 -13.11
CA VAL C 46 3.65 -5.72 -12.44
C VAL C 46 3.07 -4.39 -12.89
N MET C 47 3.05 -4.15 -14.21
CA MET C 47 2.67 -2.84 -14.73
C MET C 47 1.18 -2.56 -14.57
N THR C 48 0.33 -3.54 -14.87
CA THR C 48 -1.11 -3.35 -14.64
C THR C 48 -1.42 -3.05 -13.17
N ALA C 49 -0.72 -3.71 -12.23
CA ALA C 49 -0.91 -3.38 -10.81
C ALA C 49 -0.53 -1.93 -10.52
N GLU C 50 0.58 -1.45 -11.08
CA GLU C 50 1.02 -0.08 -10.91
C GLU C 50 0.12 0.91 -11.65
N MET C 51 -0.54 0.47 -12.72
CA MET C 51 -1.63 1.25 -13.29
C MET C 51 -2.72 1.51 -12.26
N ARG C 52 -3.12 0.46 -11.52
CA ARG C 52 -4.13 0.59 -10.47
C ARG C 52 -3.66 1.50 -9.35
N LYS C 53 -2.40 1.34 -8.94
CA LYS C 53 -1.83 2.16 -7.88
C LYS C 53 -1.81 3.62 -8.29
N ILE C 54 -1.28 3.90 -9.49
CA ILE C 54 -1.23 5.25 -10.03
C ILE C 54 -2.64 5.85 -10.11
N ALA C 55 -3.60 5.08 -10.62
CA ALA C 55 -4.96 5.58 -10.84
C ALA C 55 -5.64 5.96 -9.53
N MET C 56 -5.67 5.03 -8.58
CA MET C 56 -6.04 5.38 -7.21
C MET C 56 -5.32 6.63 -6.75
N ALA C 57 -3.99 6.65 -6.90
CA ALA C 57 -3.18 7.75 -6.40
C ALA C 57 -3.73 9.11 -6.87
N ALA C 58 -4.09 9.22 -8.15
CA ALA C 58 -4.61 10.49 -8.67
C ALA C 58 -5.97 10.82 -8.06
N VAL C 59 -6.91 9.89 -8.08
CA VAL C 59 -8.24 10.21 -7.59
C VAL C 59 -8.16 10.62 -6.12
N LEU C 60 -7.27 9.98 -5.35
CA LEU C 60 -7.12 10.33 -3.95
C LEU C 60 -6.52 11.71 -3.76
N SER C 61 -5.52 12.05 -4.57
CA SER C 61 -4.65 13.20 -4.34
C SER C 61 -4.94 14.39 -5.25
N GLY C 62 -5.78 14.22 -6.27
CA GLY C 62 -6.02 15.30 -7.22
C GLY C 62 -4.98 15.42 -8.30
N MET C 63 -3.85 14.72 -8.18
CA MET C 63 -2.79 14.72 -9.18
C MET C 63 -3.29 14.45 -10.59
N ARG C 64 -2.56 14.97 -11.58
CA ARG C 64 -2.89 14.74 -12.98
C ARG C 64 -2.29 13.42 -13.46
N VAL C 65 -2.74 12.96 -14.63
CA VAL C 65 -2.13 11.81 -15.31
C VAL C 65 -2.01 12.10 -16.80
N ASN C 66 -1.25 11.26 -17.48
CA ASN C 66 -1.15 11.26 -18.92
C ASN C 66 -1.34 9.83 -19.42
N MET C 67 -2.20 9.66 -20.39
CA MET C 67 -2.66 8.35 -20.79
C MET C 67 -2.27 8.07 -22.22
N CYS C 68 -1.79 6.87 -22.47
CA CYS C 68 -1.69 6.30 -23.81
C CYS C 68 -2.85 5.33 -23.92
N ALA C 69 -3.84 5.70 -24.72
CA ALA C 69 -5.14 5.05 -24.71
C ALA C 69 -5.46 4.51 -26.08
N SER C 70 -6.46 3.65 -26.12
CA SER C 70 -6.96 3.13 -27.37
C SER C 70 -8.35 3.69 -27.61
N PRO C 71 -8.58 4.48 -28.71
CA PRO C 71 -9.97 4.83 -29.08
C PRO C 71 -10.61 3.76 -29.93
N ALA C 72 -10.08 2.54 -29.81
CA ALA C 72 -10.66 1.29 -30.27
C ALA C 72 -11.38 0.52 -29.16
N SER C 73 -11.96 1.23 -28.19
CA SER C 73 -12.95 0.64 -27.29
C SER C 73 -13.92 1.76 -26.90
N SER C 74 -14.80 1.46 -25.93
CA SER C 74 -15.67 2.43 -25.25
C SER C 74 -16.37 1.78 -24.07
N PRO C 75 -15.87 1.96 -22.84
CA PRO C 75 -14.77 2.84 -22.43
C PRO C 75 -13.46 2.51 -23.11
N ASN C 76 -12.57 3.48 -23.29
CA ASN C 76 -11.28 3.16 -23.87
C ASN C 76 -10.46 2.33 -22.90
N VAL C 77 -9.34 1.81 -23.39
CA VAL C 77 -8.48 0.96 -22.60
C VAL C 77 -7.17 1.68 -22.39
N ILE C 78 -6.71 1.73 -21.15
CA ILE C 78 -5.47 2.46 -20.83
C ILE C 78 -4.29 1.54 -21.11
N TRP C 79 -3.48 1.89 -22.11
CA TRP C 79 -2.36 1.05 -22.48
C TRP C 79 -1.07 1.43 -21.79
N ALA C 80 -0.99 2.63 -21.23
CA ALA C 80 0.13 3.15 -20.46
C ALA C 80 -0.31 4.43 -19.77
N ILE C 81 0.24 4.70 -18.58
CA ILE C 81 -0.15 5.89 -17.83
C ILE C 81 1.07 6.48 -17.14
N GLU C 82 1.03 7.79 -16.95
CA GLU C 82 2.08 8.55 -16.30
C GLU C 82 1.44 9.41 -15.22
N LEU C 83 1.97 9.34 -14.02
CA LEU C 83 1.49 10.15 -12.92
C LEU C 83 2.44 11.32 -12.77
N GLU C 84 1.91 12.52 -12.50
CA GLU C 84 2.76 13.71 -12.46
C GLU C 84 2.45 14.56 -11.23
N ALA C 85 3.50 14.97 -10.54
CA ALA C 85 3.41 15.80 -9.35
C ALA C 85 3.19 17.26 -9.73
N GLU C 86 2.73 18.02 -8.75
CA GLU C 86 2.42 19.43 -8.93
C GLU C 86 3.70 20.25 -9.00
N GLY C 87 3.66 21.32 -9.80
CA GLY C 87 4.83 22.10 -10.06
C GLY C 87 5.48 21.82 -11.39
N SER C 88 5.03 20.78 -12.10
CA SER C 88 5.56 20.49 -13.42
C SER C 88 5.01 21.50 -14.42
N GLY C 89 5.91 22.29 -15.01
CA GLY C 89 5.50 23.27 -16.00
C GLY C 89 4.85 22.62 -17.21
N SER C 90 5.51 21.62 -17.76
CA SER C 90 4.96 20.86 -18.87
C SER C 90 3.93 19.84 -18.37
N GLY C 91 3.06 19.42 -19.28
CA GLY C 91 2.25 18.26 -19.05
C GLY C 91 3.06 17.01 -19.30
N ALA C 92 2.65 16.19 -20.26
CA ALA C 92 3.29 14.91 -20.49
C ALA C 92 4.77 15.08 -20.76
N SER C 93 5.51 14.01 -20.52
CA SER C 93 6.93 13.99 -20.75
C SER C 93 7.20 13.63 -22.21
N GLN C 94 8.34 14.10 -22.71
CA GLN C 94 8.69 13.76 -24.08
C GLN C 94 8.88 12.26 -24.25
N PHE C 95 9.51 11.60 -23.27
CA PHE C 95 9.66 10.15 -23.32
C PHE C 95 8.31 9.46 -23.41
N PHE C 96 7.28 10.05 -22.81
CA PHE C 96 5.97 9.39 -22.80
C PHE C 96 5.22 9.61 -24.10
N LYS C 97 5.27 10.83 -24.65
CA LYS C 97 4.74 11.05 -25.98
C LYS C 97 5.35 10.05 -26.97
N ASP C 98 6.69 10.08 -27.10
CA ASP C 98 7.37 9.30 -28.13
C ASP C 98 6.97 7.83 -28.11
N ASN C 99 6.81 7.25 -26.93
CA ASN C 99 6.53 5.81 -26.84
C ASN C 99 5.17 5.44 -27.41
N CYS C 100 4.23 6.38 -27.39
CA CYS C 100 2.89 6.15 -27.87
C CYS C 100 2.67 6.66 -29.29
N ASN C 101 3.54 7.56 -29.76
CA ASN C 101 3.65 7.97 -31.16
C ASN C 101 4.34 6.90 -31.99
N ARG C 102 4.14 5.64 -31.62
CA ARG C 102 4.88 4.52 -32.20
C ARG C 102 3.91 3.37 -32.49
N THR C 103 3.07 3.04 -31.51
CA THR C 103 2.09 1.96 -31.69
C THR C 103 0.84 2.42 -32.46
N THR D 1 30.13 -0.09 -14.57
CA THR D 1 30.11 1.34 -14.90
C THR D 1 28.99 2.05 -14.14
N ALA D 2 28.26 1.28 -13.32
CA ALA D 2 27.04 1.76 -12.67
C ALA D 2 27.30 3.07 -11.92
N SER D 3 26.64 4.13 -12.37
CA SER D 3 26.88 5.47 -11.86
C SER D 3 25.92 5.80 -10.72
N LEU D 4 26.31 6.77 -9.91
CA LEU D 4 25.53 7.23 -8.77
C LEU D 4 25.02 8.62 -9.06
N VAL D 5 23.70 8.81 -9.00
CA VAL D 5 23.08 10.11 -9.24
C VAL D 5 22.38 10.52 -7.95
N GLU D 6 22.77 11.67 -7.40
CA GLU D 6 22.41 12.08 -6.04
C GLU D 6 21.44 13.25 -6.06
N GLY D 7 20.46 13.21 -5.16
CA GLY D 7 19.58 14.34 -4.94
C GLY D 7 18.51 14.56 -5.98
N VAL D 8 18.09 13.51 -6.69
CA VAL D 8 17.06 13.66 -7.70
C VAL D 8 15.71 14.03 -7.09
N GLU D 9 14.93 14.82 -7.83
CA GLU D 9 13.51 15.00 -7.56
C GLU D 9 12.75 14.41 -8.74
N LEU D 10 11.91 13.40 -8.44
CA LEU D 10 11.17 12.71 -9.49
C LEU D 10 9.75 13.25 -9.53
N THR D 11 9.29 13.56 -10.73
CA THR D 11 8.03 14.23 -10.93
C THR D 11 7.08 13.44 -11.79
N LYS D 12 7.53 12.35 -12.39
CA LYS D 12 6.66 11.51 -13.19
C LYS D 12 7.01 10.05 -12.94
N TYR D 13 5.98 9.20 -12.95
CA TYR D 13 6.10 7.78 -12.69
C TYR D 13 5.20 7.08 -13.70
N ILE D 14 5.74 6.13 -14.44
CA ILE D 14 5.11 5.66 -15.68
C ILE D 14 4.98 4.14 -15.71
N SER D 15 3.75 3.66 -15.83
CA SER D 15 3.52 2.28 -16.23
C SER D 15 3.11 2.23 -17.69
N ASP D 16 3.56 1.17 -18.37
CA ASP D 16 3.42 1.06 -19.82
C ASP D 16 3.51 -0.41 -20.19
N ILE D 17 2.48 -0.95 -20.82
CA ILE D 17 2.57 -2.27 -21.44
C ILE D 17 2.54 -2.18 -22.98
N ASN D 18 2.89 -1.03 -23.55
CA ASN D 18 3.24 -1.02 -24.97
C ASN D 18 4.39 -1.97 -25.20
N ASN D 19 4.24 -2.85 -26.19
CA ASN D 19 5.31 -3.76 -26.53
C ASN D 19 6.57 -2.99 -26.88
N ASN D 20 7.73 -3.61 -26.63
CA ASN D 20 9.04 -3.05 -26.92
C ASN D 20 9.28 -1.72 -26.22
N THR D 21 8.36 -1.30 -25.35
CA THR D 21 8.61 -0.20 -24.44
C THR D 21 8.08 -0.48 -23.03
N ASP D 22 7.68 -1.72 -22.72
CA ASP D 22 6.89 -1.97 -21.51
C ASP D 22 7.77 -2.14 -20.26
N GLY D 23 7.38 -1.48 -19.18
CA GLY D 23 8.20 -1.34 -18.00
C GLY D 23 7.82 -0.12 -17.17
N MET D 24 8.55 0.06 -16.08
CA MET D 24 8.31 1.14 -15.14
C MET D 24 9.39 2.19 -15.33
N TYR D 25 9.00 3.46 -15.41
CA TYR D 25 9.95 4.52 -15.66
C TYR D 25 9.66 5.71 -14.75
N VAL D 26 10.72 6.40 -14.38
CA VAL D 26 10.66 7.58 -13.52
C VAL D 26 11.34 8.71 -14.25
N VAL D 27 10.84 9.92 -14.03
CA VAL D 27 11.38 11.09 -14.69
C VAL D 27 11.67 12.16 -13.65
N SER D 28 12.81 12.82 -13.79
CA SER D 28 13.22 13.87 -12.88
C SER D 28 12.56 15.18 -13.29
N SER D 29 12.53 16.13 -12.35
CA SER D 29 11.99 17.45 -12.64
C SER D 29 12.67 18.06 -13.84
N THR D 30 13.86 17.58 -14.14
CA THR D 30 14.75 18.06 -15.17
C THR D 30 14.65 17.29 -16.48
N GLY D 31 14.17 16.05 -16.44
CA GLY D 31 13.87 15.30 -17.65
C GLY D 31 14.53 13.94 -17.73
N GLY D 32 15.45 13.63 -16.83
CA GLY D 32 16.14 12.35 -16.87
C GLY D 32 15.19 11.18 -16.80
N VAL D 33 15.36 10.23 -17.71
CA VAL D 33 14.47 9.08 -17.82
C VAL D 33 15.23 7.85 -17.38
N TRP D 34 14.62 7.07 -16.49
CA TRP D 34 15.23 5.88 -15.94
C TRP D 34 14.23 4.74 -16.01
N ARG D 35 14.73 3.52 -16.06
CA ARG D 35 13.90 2.34 -16.11
C ARG D 35 14.06 1.56 -14.80
N ILE D 36 12.96 1.44 -14.04
CA ILE D 36 13.00 0.64 -12.83
C ILE D 36 13.32 -0.80 -13.20
N SER D 37 14.13 -1.45 -12.37
CA SER D 37 14.46 -2.84 -12.60
C SER D 37 13.27 -3.75 -12.29
N ARG D 38 13.37 -5.00 -12.77
CA ARG D 38 12.24 -5.92 -12.76
C ARG D 38 12.76 -7.35 -12.63
N ALA D 39 12.04 -8.16 -11.87
CA ALA D 39 12.53 -9.49 -11.54
C ALA D 39 11.37 -10.40 -11.14
N LYS D 40 11.39 -11.63 -11.65
CA LYS D 40 10.28 -12.55 -11.48
C LYS D 40 10.34 -13.29 -10.16
N ASP D 41 11.53 -13.73 -9.78
CA ASP D 41 11.69 -14.73 -8.75
C ASP D 41 12.23 -14.11 -7.47
N TYR D 42 12.02 -14.84 -6.38
CA TYR D 42 12.64 -14.50 -5.10
C TYR D 42 14.15 -14.68 -5.21
N PRO D 43 14.95 -13.80 -4.59
CA PRO D 43 14.61 -12.69 -3.69
C PRO D 43 14.47 -11.31 -4.35
N ASP D 44 14.75 -11.16 -5.64
CA ASP D 44 14.79 -9.83 -6.22
C ASP D 44 13.41 -9.30 -6.62
N ASN D 45 12.40 -10.15 -6.75
CA ASN D 45 11.05 -9.59 -6.92
C ASN D 45 10.65 -8.74 -5.72
N VAL D 46 11.16 -9.07 -4.52
CA VAL D 46 10.87 -8.27 -3.34
C VAL D 46 11.57 -6.92 -3.44
N MET D 47 12.76 -6.87 -4.05
CA MET D 47 13.49 -5.61 -4.17
C MET D 47 12.93 -4.72 -5.26
N THR D 48 12.74 -5.26 -6.47
CA THR D 48 12.17 -4.46 -7.54
C THR D 48 10.78 -3.95 -7.14
N ALA D 49 10.06 -4.71 -6.33
CA ALA D 49 8.80 -4.23 -5.76
C ALA D 49 9.03 -3.04 -4.84
N GLU D 50 10.12 -3.06 -4.08
CA GLU D 50 10.35 -1.97 -3.14
C GLU D 50 10.90 -0.71 -3.82
N MET D 51 11.66 -0.84 -4.93
CA MET D 51 11.97 0.38 -5.67
C MET D 51 10.71 0.95 -6.32
N ARG D 52 9.84 0.07 -6.85
CA ARG D 52 8.54 0.55 -7.36
C ARG D 52 7.81 1.35 -6.29
N LYS D 53 7.75 0.82 -5.08
CA LYS D 53 7.17 1.58 -3.96
C LYS D 53 7.98 2.85 -3.69
N ILE D 54 9.31 2.78 -3.81
CA ILE D 54 10.15 3.95 -3.56
C ILE D 54 9.99 4.97 -4.67
N ALA D 55 9.98 4.51 -5.93
CA ALA D 55 9.65 5.39 -7.04
C ALA D 55 8.36 6.15 -6.78
N MET D 56 7.24 5.43 -6.64
CA MET D 56 5.96 6.04 -6.37
C MET D 56 6.02 7.04 -5.21
N ALA D 57 6.72 6.68 -4.13
CA ALA D 57 6.72 7.54 -2.95
C ALA D 57 7.42 8.86 -3.22
N ALA D 58 8.60 8.82 -3.85
CA ALA D 58 9.28 10.08 -4.18
C ALA D 58 8.43 10.94 -5.11
N VAL D 59 7.67 10.31 -6.00
CA VAL D 59 6.84 11.08 -6.90
C VAL D 59 5.74 11.82 -6.15
N LEU D 60 5.10 11.15 -5.19
CA LEU D 60 3.96 11.74 -4.51
C LEU D 60 4.37 12.85 -3.56
N SER D 61 5.56 12.77 -2.98
CA SER D 61 5.94 13.61 -1.85
C SER D 61 6.93 14.71 -2.22
N GLY D 62 7.89 14.37 -3.07
CA GLY D 62 8.94 15.30 -3.42
C GLY D 62 10.25 15.04 -2.72
N MET D 63 10.30 14.07 -1.80
CA MET D 63 11.57 13.74 -1.19
C MET D 63 12.53 13.20 -2.23
N ARG D 64 13.79 13.60 -2.10
CA ARG D 64 14.83 13.25 -3.06
C ARG D 64 15.05 11.74 -3.09
N VAL D 65 15.72 11.28 -4.14
CA VAL D 65 16.27 9.94 -4.16
C VAL D 65 17.75 10.05 -4.49
N ASN D 66 18.42 8.93 -4.41
CA ASN D 66 19.75 8.75 -4.97
C ASN D 66 19.73 7.39 -5.63
N MET D 67 20.31 7.32 -6.82
CA MET D 67 20.11 6.18 -7.68
C MET D 67 21.45 5.56 -8.03
N CYS D 68 21.42 4.34 -8.52
CA CYS D 68 22.61 3.61 -8.95
C CYS D 68 22.20 2.96 -10.26
N ALA D 69 22.35 3.72 -11.33
CA ALA D 69 21.79 3.36 -12.62
C ALA D 69 22.90 2.95 -13.58
N SER D 70 22.56 2.07 -14.49
CA SER D 70 23.52 1.57 -15.46
C SER D 70 23.47 2.43 -16.70
N PRO D 71 24.55 3.17 -17.03
CA PRO D 71 24.60 3.88 -18.31
C PRO D 71 24.68 2.98 -19.54
N ALA D 72 24.67 1.65 -19.34
CA ALA D 72 24.82 0.68 -20.42
C ALA D 72 23.76 0.81 -21.51
N SER D 73 22.65 1.49 -21.24
CA SER D 73 21.53 1.57 -22.18
C SER D 73 20.65 2.78 -21.82
N SER D 74 19.72 3.09 -22.71
CA SER D 74 18.85 4.25 -22.52
C SER D 74 17.38 3.83 -22.60
N PRO D 75 16.57 4.19 -21.60
CA PRO D 75 16.95 4.93 -20.39
C PRO D 75 17.78 4.08 -19.43
N ASN D 76 18.53 4.70 -18.52
CA ASN D 76 19.40 3.96 -17.60
C ASN D 76 18.59 3.10 -16.64
N VAL D 77 18.80 1.78 -16.70
CA VAL D 77 18.16 0.88 -15.75
C VAL D 77 18.65 1.17 -14.33
N ILE D 78 17.72 1.15 -13.37
CA ILE D 78 18.04 1.40 -11.96
C ILE D 78 18.39 0.09 -11.29
N TRP D 79 19.60 0.00 -10.73
CA TRP D 79 20.04 -1.19 -9.99
C TRP D 79 19.89 -1.04 -8.47
N ALA D 80 19.83 0.17 -7.94
CA ALA D 80 19.73 0.38 -6.50
C ALA D 80 19.23 1.80 -6.26
N ILE D 81 18.05 1.94 -5.68
CA ILE D 81 17.53 3.26 -5.34
C ILE D 81 17.54 3.40 -3.82
N GLU D 82 17.58 4.64 -3.37
CA GLU D 82 17.59 4.94 -1.94
C GLU D 82 16.78 6.20 -1.67
N LEU D 83 15.70 6.04 -0.93
CA LEU D 83 14.86 7.16 -0.53
C LEU D 83 15.49 7.86 0.67
N GLU D 84 15.06 9.08 0.92
CA GLU D 84 15.62 9.83 2.04
C GLU D 84 14.68 10.95 2.43
N ALA D 85 14.38 11.05 3.73
CA ALA D 85 13.60 12.16 4.23
C ALA D 85 14.46 13.42 4.30
N GLU D 86 13.83 14.54 4.64
CA GLU D 86 14.49 15.85 4.56
C GLU D 86 15.38 16.08 5.78
N GLY D 87 16.43 15.27 5.87
CA GLY D 87 17.39 15.37 6.95
C GLY D 87 18.75 15.74 6.41
N SER D 88 19.52 16.47 7.23
CA SER D 88 20.88 16.92 6.86
C SER D 88 20.80 17.84 5.65
N GLY D 89 21.43 17.50 4.54
CA GLY D 89 21.34 18.29 3.33
C GLY D 89 21.17 17.41 2.12
N SER D 90 20.29 16.40 2.25
CA SER D 90 19.88 15.53 1.14
C SER D 90 21.07 14.76 0.57
N GLY D 91 22.09 14.52 1.39
CA GLY D 91 23.24 13.77 0.95
C GLY D 91 22.90 12.31 0.73
N ALA D 92 23.72 11.64 -0.08
CA ALA D 92 23.63 10.19 -0.17
C ALA D 92 24.37 9.54 0.99
N SER D 93 23.82 8.45 1.50
CA SER D 93 24.44 7.76 2.62
C SER D 93 25.78 7.18 2.18
N GLN D 94 26.77 7.26 3.08
CA GLN D 94 28.05 6.62 2.79
C GLN D 94 27.86 5.16 2.42
N PHE D 95 27.01 4.45 3.14
CA PHE D 95 26.77 3.05 2.80
C PHE D 95 26.43 2.91 1.31
N PHE D 96 25.47 3.72 0.82
CA PHE D 96 24.97 3.59 -0.56
C PHE D 96 26.03 4.01 -1.60
N LYS D 97 26.69 5.16 -1.39
CA LYS D 97 27.80 5.57 -2.24
C LYS D 97 28.78 4.43 -2.48
N ASP D 98 29.18 3.74 -1.40
CA ASP D 98 30.20 2.69 -1.51
C ASP D 98 29.67 1.49 -2.28
N ASN D 99 28.49 0.97 -1.93
CA ASN D 99 27.95 -0.18 -2.65
C ASN D 99 27.74 0.12 -4.12
N CYS D 100 27.44 1.38 -4.45
CA CYS D 100 27.27 1.74 -5.85
C CYS D 100 28.61 1.72 -6.58
N ASN D 101 29.66 2.22 -5.94
CA ASN D 101 30.99 2.31 -6.54
C ASN D 101 31.77 0.99 -6.47
N ARG D 102 31.09 -0.14 -6.58
CA ARG D 102 31.73 -1.46 -6.57
C ARG D 102 31.10 -2.37 -7.64
N THR D 103 30.95 -1.84 -8.86
CA THR D 103 30.59 -2.63 -10.04
C THR D 103 31.22 -2.02 -11.29
N THR E 1 23.22 -13.18 22.09
CA THR E 1 24.06 -12.10 21.57
C THR E 1 23.28 -11.07 20.74
N ALA E 2 21.96 -11.24 20.63
CA ALA E 2 21.12 -10.23 19.99
C ALA E 2 21.13 -8.95 20.81
N SER E 3 20.75 -7.85 20.17
CA SER E 3 21.03 -6.52 20.69
C SER E 3 19.88 -5.58 20.39
N LEU E 4 19.17 -5.17 21.44
CA LEU E 4 18.08 -4.22 21.28
C LEU E 4 18.63 -2.84 20.95
N VAL E 5 17.96 -2.16 20.00
CA VAL E 5 18.25 -0.76 19.65
C VAL E 5 16.97 0.04 19.74
N GLU E 6 16.97 1.11 20.52
CA GLU E 6 15.76 1.84 20.86
C GLU E 6 15.83 3.27 20.32
N GLY E 7 14.66 3.84 20.02
CA GLY E 7 14.57 5.24 19.65
C GLY E 7 15.22 5.61 18.34
N VAL E 8 15.40 4.64 17.45
CA VAL E 8 16.13 4.81 16.20
C VAL E 8 15.29 5.59 15.21
N GLU E 9 15.76 6.78 14.83
CA GLU E 9 15.14 7.57 13.78
C GLU E 9 15.78 7.17 12.45
N LEU E 10 15.03 6.48 11.61
CA LEU E 10 15.52 6.05 10.31
C LEU E 10 15.34 7.17 9.30
N THR E 11 16.36 7.39 8.47
CA THR E 11 16.35 8.49 7.53
C THR E 11 16.43 8.04 6.08
N LYS E 12 16.77 6.78 5.80
CA LYS E 12 17.04 6.34 4.44
C LYS E 12 16.56 4.91 4.23
N TYR E 13 15.74 4.68 3.20
CA TYR E 13 15.24 3.36 2.85
C TYR E 13 15.87 2.93 1.53
N ILE E 14 16.41 1.70 1.45
CA ILE E 14 17.34 1.32 0.40
C ILE E 14 16.93 -0.01 -0.22
N SER E 15 16.67 -0.02 -1.53
CA SER E 15 16.57 -1.28 -2.25
C SER E 15 17.73 -1.38 -3.21
N ASP E 16 18.19 -2.61 -3.47
CA ASP E 16 19.47 -2.82 -4.15
C ASP E 16 19.45 -4.23 -4.72
N ILE E 17 19.69 -4.38 -6.03
CA ILE E 17 19.80 -5.72 -6.56
C ILE E 17 21.19 -5.98 -7.15
N ASN E 18 22.14 -5.09 -6.91
CA ASN E 18 23.53 -5.35 -7.29
C ASN E 18 23.99 -6.66 -6.64
N ASN E 19 24.78 -7.42 -7.39
CA ASN E 19 25.26 -8.69 -6.86
C ASN E 19 26.14 -8.46 -5.64
N ASN E 20 26.11 -9.44 -4.72
CA ASN E 20 26.90 -9.39 -3.50
C ASN E 20 26.67 -8.14 -2.67
N THR E 21 25.57 -7.44 -2.90
CA THR E 21 25.18 -6.37 -1.99
C THR E 21 23.66 -6.17 -2.01
N ASP E 22 22.89 -7.14 -2.51
CA ASP E 22 21.46 -6.93 -2.68
C ASP E 22 20.71 -7.18 -1.36
N GLY E 23 19.46 -6.75 -1.32
CA GLY E 23 18.69 -6.75 -0.11
C GLY E 23 17.98 -5.43 0.12
N MET E 24 17.55 -5.24 1.36
CA MET E 24 16.81 -4.07 1.80
C MET E 24 17.57 -3.47 2.95
N TYR E 25 17.78 -2.17 2.94
CA TYR E 25 18.59 -1.55 3.98
C TYR E 25 17.89 -0.30 4.50
N VAL E 26 18.16 -0.01 5.77
CA VAL E 26 17.73 1.21 6.41
C VAL E 26 18.95 1.86 7.02
N VAL E 27 18.85 3.17 7.26
CA VAL E 27 19.96 3.97 7.79
C VAL E 27 19.36 4.96 8.78
N SER E 28 20.00 5.11 9.94
CA SER E 28 19.51 6.02 10.96
C SER E 28 20.07 7.43 10.74
N SER E 29 19.61 8.37 11.55
CA SER E 29 20.09 9.74 11.41
C SER E 29 21.57 9.84 11.74
N THR E 30 21.98 9.14 12.79
CA THR E 30 23.40 9.05 13.13
C THR E 30 24.19 8.36 12.03
N GLY E 31 23.57 7.49 11.26
CA GLY E 31 24.25 6.81 10.17
C GLY E 31 24.40 5.32 10.33
N GLY E 32 23.68 4.70 11.27
CA GLY E 32 23.74 3.26 11.43
C GLY E 32 22.98 2.55 10.34
N VAL E 33 23.39 1.31 10.05
CA VAL E 33 22.95 0.61 8.85
C VAL E 33 22.56 -0.81 9.23
N TRP E 34 21.30 -1.16 8.95
CA TRP E 34 20.80 -2.50 9.19
C TRP E 34 20.28 -3.10 7.90
N ARG E 35 20.38 -4.43 7.79
CA ARG E 35 19.70 -5.14 6.74
C ARG E 35 18.29 -5.52 7.21
N ILE E 36 17.36 -5.45 6.29
CA ILE E 36 16.03 -5.99 6.56
C ILE E 36 16.05 -7.49 6.27
N SER E 37 15.44 -8.26 7.17
CA SER E 37 15.34 -9.70 6.99
C SER E 37 14.47 -10.05 5.78
N ARG E 38 14.83 -11.13 5.11
CA ARG E 38 14.02 -11.65 4.03
C ARG E 38 13.63 -13.10 4.30
N ALA E 39 12.59 -13.55 3.62
CA ALA E 39 12.07 -14.91 3.76
C ALA E 39 11.11 -15.18 2.61
N LYS E 40 11.10 -16.43 2.14
CA LYS E 40 10.32 -16.81 0.96
C LYS E 40 8.94 -17.36 1.30
N ASP E 41 8.82 -18.13 2.37
CA ASP E 41 7.66 -18.98 2.59
C ASP E 41 6.77 -18.44 3.68
N TYR E 42 5.55 -18.98 3.73
CA TYR E 42 4.67 -18.78 4.87
C TYR E 42 5.32 -19.34 6.13
N PRO E 43 5.34 -18.60 7.26
CA PRO E 43 4.71 -17.31 7.52
C PRO E 43 5.67 -16.13 7.51
N ASP E 44 6.98 -16.36 7.49
CA ASP E 44 7.89 -15.24 7.65
C ASP E 44 7.84 -14.29 6.45
N ASN E 45 7.35 -14.75 5.30
CA ASN E 45 7.11 -13.83 4.20
C ASN E 45 6.11 -12.74 4.59
N VAL E 46 5.20 -13.02 5.53
CA VAL E 46 4.32 -11.98 6.07
C VAL E 46 5.09 -11.06 7.01
N MET E 47 5.94 -11.61 7.87
CA MET E 47 6.59 -10.77 8.86
C MET E 47 7.66 -9.91 8.22
N THR E 48 8.41 -10.47 7.27
CA THR E 48 9.41 -9.68 6.56
C THR E 48 8.77 -8.56 5.76
N ALA E 49 7.63 -8.84 5.13
CA ALA E 49 6.91 -7.81 4.37
C ALA E 49 6.47 -6.67 5.27
N GLU E 50 5.94 -6.98 6.45
CA GLU E 50 5.53 -5.93 7.36
C GLU E 50 6.73 -5.15 7.83
N MET E 51 7.84 -5.86 8.06
CA MET E 51 9.10 -5.22 8.41
C MET E 51 9.43 -4.15 7.38
N ARG E 52 9.28 -4.47 6.11
CA ARG E 52 9.56 -3.53 5.04
C ARG E 52 8.53 -2.41 4.98
N LYS E 53 7.25 -2.72 5.26
CA LYS E 53 6.24 -1.66 5.37
C LYS E 53 6.57 -0.70 6.51
N ILE E 54 7.05 -1.23 7.64
CA ILE E 54 7.44 -0.41 8.81
C ILE E 54 8.53 0.60 8.44
N ALA E 55 9.50 0.19 7.61
CA ALA E 55 10.52 1.12 7.15
C ALA E 55 9.93 2.19 6.24
N MET E 56 9.29 1.77 5.15
CA MET E 56 8.46 2.62 4.30
C MET E 56 7.35 3.36 5.07
N ALA E 57 7.67 3.94 6.22
CA ALA E 57 6.63 4.56 7.04
C ALA E 57 7.28 5.38 8.12
N ALA E 58 8.47 4.94 8.51
CA ALA E 58 9.31 5.68 9.44
C ALA E 58 10.26 6.62 8.72
N VAL E 59 10.90 6.16 7.64
CA VAL E 59 11.58 7.08 6.73
C VAL E 59 10.60 8.14 6.23
N LEU E 60 9.41 7.73 5.80
CA LEU E 60 8.43 8.66 5.26
C LEU E 60 7.98 9.66 6.31
N SER E 61 7.55 9.18 7.48
CA SER E 61 6.84 10.01 8.45
C SER E 61 7.72 10.55 9.58
N GLY E 62 8.97 10.09 9.70
CA GLY E 62 9.78 10.51 10.82
C GLY E 62 9.49 9.80 12.11
N MET E 63 8.62 8.81 12.08
CA MET E 63 8.30 8.08 13.29
C MET E 63 9.46 7.16 13.66
N ARG E 64 9.62 6.93 14.96
CA ARG E 64 10.79 6.23 15.47
C ARG E 64 10.55 4.73 15.50
N VAL E 65 11.62 3.97 15.44
CA VAL E 65 11.50 2.52 15.51
C VAL E 65 12.35 2.02 16.67
N ASN E 66 12.10 0.76 17.03
CA ASN E 66 12.94 -0.01 17.93
C ASN E 66 13.30 -1.30 17.23
N MET E 67 14.48 -1.83 17.53
CA MET E 67 15.00 -2.88 16.68
C MET E 67 15.58 -3.98 17.54
N CYS E 68 15.54 -5.20 17.02
CA CYS E 68 16.28 -6.34 17.56
C CYS E 68 17.02 -6.94 16.38
N ALA E 69 18.31 -6.66 16.31
CA ALA E 69 19.11 -6.99 15.14
C ALA E 69 20.28 -7.86 15.57
N SER E 70 20.65 -8.79 14.70
CA SER E 70 21.71 -9.76 14.99
C SER E 70 23.06 -9.20 14.57
N PRO E 71 24.01 -8.99 15.49
CA PRO E 71 25.32 -8.46 15.09
C PRO E 71 26.18 -9.54 14.47
N ALA E 72 25.55 -10.68 14.14
CA ALA E 72 26.28 -11.80 13.57
C ALA E 72 26.81 -11.54 12.17
N SER E 73 26.32 -10.50 11.49
CA SER E 73 26.74 -10.22 10.12
C SER E 73 26.85 -8.72 9.90
N SER E 74 27.44 -8.36 8.75
CA SER E 74 27.48 -7.05 8.10
C SER E 74 26.07 -6.43 8.11
N PRO E 75 25.94 -5.07 7.91
CA PRO E 75 24.75 -4.36 8.39
C PRO E 75 23.78 -5.21 9.19
N ASN E 76 24.02 -5.36 10.49
CA ASN E 76 23.24 -6.21 11.39
C ASN E 76 21.79 -6.36 10.97
N VAL E 77 21.39 -7.57 10.58
CA VAL E 77 20.05 -7.79 10.06
C VAL E 77 19.02 -7.64 11.19
N ILE E 78 17.88 -7.03 10.86
CA ILE E 78 16.84 -6.78 11.85
C ILE E 78 16.01 -8.05 12.05
N TRP E 79 15.89 -8.50 13.29
CA TRP E 79 15.10 -9.69 13.56
C TRP E 79 13.69 -9.36 14.02
N ALA E 80 13.50 -8.17 14.57
CA ALA E 80 12.17 -7.68 14.91
C ALA E 80 12.22 -6.17 14.87
N ILE E 81 11.08 -5.54 14.61
CA ILE E 81 11.02 -4.09 14.58
C ILE E 81 9.70 -3.63 15.20
N GLU E 82 9.74 -2.48 15.86
CA GLU E 82 8.59 -1.87 16.51
C GLU E 82 8.46 -0.45 15.97
N LEU E 83 7.45 -0.21 15.14
CA LEU E 83 7.06 1.15 14.79
C LEU E 83 6.26 1.78 15.92
N GLU E 84 6.65 2.96 16.36
CA GLU E 84 6.02 3.63 17.49
C GLU E 84 5.66 5.07 17.12
N ALA E 85 4.90 5.73 17.99
CA ALA E 85 4.69 7.17 17.89
C ALA E 85 5.69 7.91 18.79
N GLU E 86 5.55 9.23 18.82
CA GLU E 86 6.46 10.07 19.57
C GLU E 86 5.83 10.59 20.85
N GLY E 87 4.72 9.98 21.28
CA GLY E 87 4.08 10.33 22.54
C GLY E 87 5.00 10.21 23.74
N SER E 88 5.35 11.36 24.33
CA SER E 88 6.35 11.50 25.39
C SER E 88 7.75 11.18 24.88
N GLY E 89 8.21 9.94 25.06
CA GLY E 89 9.48 9.50 24.53
C GLY E 89 9.46 9.29 23.01
N SER E 90 8.98 8.13 22.57
CA SER E 90 8.58 7.04 23.46
C SER E 90 9.75 6.07 23.67
N GLY E 91 9.62 5.19 24.64
CA GLY E 91 10.57 4.10 24.84
C GLY E 91 10.28 2.95 23.91
N ALA E 92 10.74 1.77 24.30
CA ALA E 92 10.26 0.54 23.71
C ALA E 92 9.24 -0.09 24.66
N SER E 93 8.41 -0.97 24.12
CA SER E 93 7.48 -1.67 24.98
C SER E 93 8.22 -2.77 25.75
N GLN E 94 7.73 -3.10 26.94
CA GLN E 94 8.35 -4.19 27.66
C GLN E 94 8.21 -5.49 26.88
N PHE E 95 7.06 -5.66 26.20
CA PHE E 95 6.87 -6.87 25.40
C PHE E 95 7.97 -7.02 24.36
N PHE E 96 8.31 -5.92 23.68
CA PHE E 96 9.37 -5.95 22.68
C PHE E 96 10.73 -6.24 23.31
N LYS E 97 11.07 -5.49 24.38
CA LYS E 97 12.33 -5.69 25.12
C LYS E 97 12.52 -7.14 25.52
N ASP E 98 11.48 -7.73 26.14
CA ASP E 98 11.54 -9.09 26.67
C ASP E 98 11.61 -10.15 25.57
N ASN E 99 11.23 -9.81 24.34
CA ASN E 99 11.37 -10.75 23.23
C ASN E 99 12.76 -10.74 22.64
N CYS E 100 13.53 -9.66 22.87
CA CYS E 100 14.79 -9.47 22.15
C CYS E 100 15.93 -10.19 22.85
N ASN E 101 15.93 -10.19 24.18
CA ASN E 101 16.90 -10.93 24.96
C ASN E 101 16.59 -12.42 24.88
N ARG E 102 16.69 -12.96 23.66
CA ARG E 102 16.27 -14.30 23.30
C ARG E 102 17.36 -14.97 22.47
N THR E 103 18.07 -14.20 21.66
CA THR E 103 19.01 -14.79 20.73
C THR E 103 20.30 -13.99 20.66
#